data_6B21
#
_entry.id   6B21
#
_cell.length_a   138.780
_cell.length_b   138.780
_cell.length_c   159.140
_cell.angle_alpha   90.000
_cell.angle_beta   90.000
_cell.angle_gamma   120.000
#
_symmetry.space_group_name_H-M   'H 3 2'
#
loop_
_entity.id
_entity.type
_entity.pdbx_description
1 polymer 'Ammonia channel'
2 non-polymer '[(2R,5R,11R,14S,24E)-14-[(acetyloxy)methyl]-8-{[5-(3,5-dimethyl-1H-pyrrol-2-yl-kappaN)-5-(3,5-dimethyl-2H-pyrrol-2-ylidene-kappaN)pentanoyl]oxy}-5,11-dihydroxy-2-{[(9E)-octadec-9-enoyl]oxy}-5,11,16-trioxo-4,6,10,12,15-pentaoxa-5lambda~5~,11lambda~5~-diphosphatritriacont-24-en-1-yl (9E)-octadec-9-enoatato](difluoro)boron'
3 water water
#
_entity_poly.entity_id   1
_entity_poly.type   'polypeptide(L)'
_entity_poly.pdbx_seq_one_letter_code
;GASVADKADNAFMMICTALVLFMTIPGIALFYGGLIRGKNVLSMLTQVTVTFALVCILWVVYGYSLAFGEGNNFFGNINW
LMLKNIELTAVMGSIYQYIHVAFQGSFACITVGLIVGALAERIRFSAVLIFVVVWLTLSYIPIAHMVWGGGLLASHGALD
FAGGTVVHINAAIAGLVGAYLIGKRVGFGKEAFKPHNLPMVFTGTAILYIGWFGFNAGSAGTANEIAALAFVNTVVATAA
AILGWIFGEWALRGKPSLLGACSGAIAGLVGVTPACGYIGVGGALIIGVVAGLAGLWGVTMLKRLLRVDDPCDVFGVHGV
CGIVGCIMTGIFAASSLGGVGFAEGVTMGHQLLVQLESIAITIVWSGVVAFIGYKLADLTVGLRVPEEQEREGLDVNSHG
ENAYNA
;
_entity_poly.pdbx_strand_id   A
#
loop_
_chem_comp.id
_chem_comp.type
_chem_comp.name
_chem_comp.formula
C9V non-polymer '[(2R,5R,11R,14S,24E)-14-[(acetyloxy)methyl]-8-{[5-(3,5-dimethyl-1H-pyrrol-2-yl-kappaN)-5-(3,5-dimethyl-2H-pyrrol-2-ylidene-kappaN)pentanoyl]oxy}-5,11-dihydroxy-2-{[(9E)-octadec-9-enoyl]oxy}-5,11,16-trioxo-4,6,10,12,15-pentaoxa-5lambda~5~,11lambda~5~-diphosphatritriacont-24-en-1-yl (9E)-octadec-9-enoatato](difluoro)boron' 'C82 H139 B F2 N2 O18 P2'
#
# COMPACT_ATOMS: atom_id res chain seq x y z
N GLY A 1 -35.96 -5.91 -8.88
CA GLY A 1 -36.14 -5.82 -7.44
C GLY A 1 -34.85 -6.04 -6.68
N ALA A 2 -33.96 -6.84 -7.23
CA ALA A 2 -32.67 -7.12 -6.61
C ALA A 2 -31.58 -6.22 -7.18
N SER A 3 -30.45 -6.16 -6.50
CA SER A 3 -29.32 -5.38 -6.98
C SER A 3 -28.70 -6.04 -8.21
N VAL A 4 -28.19 -5.21 -9.12
CA VAL A 4 -27.60 -5.69 -10.36
C VAL A 4 -26.15 -5.23 -10.48
N ALA A 5 -25.27 -6.13 -10.86
CA ALA A 5 -23.87 -5.79 -11.07
C ALA A 5 -23.66 -5.24 -12.48
N ASP A 6 -22.72 -4.31 -12.61
CA ASP A 6 -22.37 -3.72 -13.89
C ASP A 6 -21.22 -4.50 -14.52
N LYS A 7 -21.46 -5.10 -15.68
CA LYS A 7 -20.48 -6.01 -16.28
C LYS A 7 -19.21 -5.29 -16.71
N ALA A 8 -19.34 -4.03 -17.10
CA ALA A 8 -18.17 -3.22 -17.44
C ALA A 8 -17.33 -2.99 -16.18
N ASP A 9 -17.98 -2.78 -15.05
CA ASP A 9 -17.27 -2.64 -13.79
C ASP A 9 -16.72 -3.99 -13.34
N ASN A 10 -17.48 -5.05 -13.56
CA ASN A 10 -17.00 -6.41 -13.30
C ASN A 10 -15.70 -6.70 -14.04
N ALA A 11 -15.72 -6.46 -15.34
CA ALA A 11 -14.56 -6.69 -16.20
C ALA A 11 -13.36 -5.87 -15.73
N PHE A 12 -13.59 -4.58 -15.53
CA PHE A 12 -12.55 -3.66 -15.11
C PHE A 12 -11.91 -4.07 -13.78
N MET A 13 -12.74 -4.39 -12.79
CA MET A 13 -12.23 -4.71 -11.46
C MET A 13 -11.50 -6.06 -11.41
N MET A 14 -11.94 -7.02 -12.22
CA MET A 14 -11.26 -8.30 -12.29
C MET A 14 -9.86 -8.14 -12.90
N ILE A 15 -9.74 -7.33 -13.94
CA ILE A 15 -8.44 -7.07 -14.56
C ILE A 15 -7.54 -6.27 -13.62
N CYS A 16 -8.12 -5.29 -12.94
CA CYS A 16 -7.37 -4.52 -11.94
C CYS A 16 -6.83 -5.42 -10.84
N THR A 17 -7.65 -6.38 -10.41
CA THR A 17 -7.24 -7.34 -9.39
C THR A 17 -6.02 -8.14 -9.83
N ALA A 18 -6.04 -8.58 -11.08
CA ALA A 18 -4.91 -9.31 -11.66
C ALA A 18 -3.66 -8.44 -11.71
N LEU A 19 -3.85 -7.16 -12.03
CA LEU A 19 -2.75 -6.20 -12.03
C LEU A 19 -2.15 -5.98 -10.64
N VAL A 20 -2.99 -5.97 -9.61
CA VAL A 20 -2.49 -5.82 -8.25
C VAL A 20 -1.76 -7.08 -7.80
N LEU A 21 -2.28 -8.24 -8.18
CA LEU A 21 -1.60 -9.51 -7.89
C LEU A 21 -0.25 -9.54 -8.61
N PHE A 22 -0.21 -8.94 -9.79
CA PHE A 22 1.00 -8.81 -10.59
C PHE A 22 2.09 -8.04 -9.84
N MET A 23 1.66 -7.05 -9.04
CA MET A 23 2.59 -6.25 -8.24
C MET A 23 3.36 -7.10 -7.23
N THR A 24 2.72 -8.14 -6.71
CA THR A 24 3.37 -9.04 -5.78
C THR A 24 4.10 -10.16 -6.51
N ILE A 25 3.38 -10.81 -7.40
CA ILE A 25 3.92 -11.91 -8.19
C ILE A 25 4.02 -11.50 -9.66
N PRO A 26 5.23 -11.18 -10.15
CA PRO A 26 6.52 -11.20 -9.45
C PRO A 26 7.04 -9.82 -9.06
N GLY A 27 6.22 -8.79 -9.21
CA GLY A 27 6.66 -7.41 -9.06
C GLY A 27 7.58 -7.10 -7.91
N ILE A 28 7.05 -7.19 -6.68
CA ILE A 28 7.82 -6.80 -5.50
C ILE A 28 8.95 -7.80 -5.23
N ALA A 29 8.80 -9.02 -5.72
CA ALA A 29 9.80 -10.06 -5.55
C ALA A 29 11.04 -9.77 -6.39
N LEU A 30 10.83 -9.36 -7.65
CA LEU A 30 11.93 -8.99 -8.53
C LEU A 30 12.60 -7.70 -8.05
N PHE A 31 11.81 -6.82 -7.46
CA PHE A 31 12.32 -5.55 -6.95
C PHE A 31 13.36 -5.75 -5.85
N TYR A 32 12.99 -6.50 -4.81
CA TYR A 32 13.91 -6.79 -3.72
C TYR A 32 14.97 -7.79 -4.13
N GLY A 33 14.67 -8.58 -5.15
CA GLY A 33 15.60 -9.59 -5.65
C GLY A 33 16.89 -8.98 -6.17
N GLY A 34 16.79 -7.83 -6.82
CA GLY A 34 17.95 -7.16 -7.37
C GLY A 34 18.66 -6.30 -6.35
N LEU A 35 17.98 -5.99 -5.26
CA LEU A 35 18.54 -5.15 -4.21
C LEU A 35 19.42 -5.93 -3.24
N ILE A 36 18.87 -7.00 -2.68
CA ILE A 36 19.60 -7.80 -1.69
C ILE A 36 20.72 -8.61 -2.33
N ARG A 37 21.50 -9.28 -1.49
CA ARG A 37 22.62 -10.11 -1.97
C ARG A 37 22.10 -11.31 -2.75
N GLY A 38 22.94 -11.80 -3.67
CA GLY A 38 22.56 -12.92 -4.52
C GLY A 38 22.42 -14.23 -3.78
N LYS A 39 23.03 -14.32 -2.61
CA LYS A 39 23.03 -15.55 -1.82
C LYS A 39 21.72 -15.71 -1.03
N ASN A 40 20.88 -14.68 -1.06
CA ASN A 40 19.63 -14.70 -0.31
C ASN A 40 18.40 -14.53 -1.18
N VAL A 41 18.62 -14.40 -2.50
CA VAL A 41 17.54 -14.19 -3.44
C VAL A 41 16.56 -15.36 -3.46
N LEU A 42 17.09 -16.58 -3.61
CA LEU A 42 16.27 -17.78 -3.69
C LEU A 42 15.41 -17.97 -2.44
N SER A 43 16.00 -17.71 -1.28
CA SER A 43 15.29 -17.84 -0.02
C SER A 43 14.22 -16.76 0.13
N MET A 44 14.52 -15.58 -0.40
CA MET A 44 13.58 -14.46 -0.33
C MET A 44 12.37 -14.70 -1.22
N LEU A 45 12.62 -15.16 -2.45
CA LEU A 45 11.55 -15.46 -3.39
C LEU A 45 10.60 -16.52 -2.83
N THR A 46 11.17 -17.48 -2.09
CA THR A 46 10.40 -18.54 -1.48
C THR A 46 9.47 -18.00 -0.39
N GLN A 47 10.02 -17.17 0.48
CA GLN A 47 9.23 -16.58 1.56
C GLN A 47 8.12 -15.69 1.02
N VAL A 48 8.43 -14.89 0.01
CA VAL A 48 7.44 -14.02 -0.62
C VAL A 48 6.31 -14.84 -1.24
N THR A 49 6.66 -15.94 -1.90
CA THR A 49 5.68 -16.80 -2.54
C THR A 49 4.81 -17.53 -1.50
N VAL A 50 5.45 -18.07 -0.48
CA VAL A 50 4.74 -18.82 0.55
C VAL A 50 3.84 -17.92 1.40
N THR A 51 4.35 -16.76 1.79
CA THR A 51 3.55 -15.83 2.59
C THR A 51 2.41 -15.24 1.76
N PHE A 52 2.63 -15.09 0.45
CA PHE A 52 1.59 -14.66 -0.46
C PHE A 52 0.42 -15.65 -0.45
N ALA A 53 0.75 -16.94 -0.53
CA ALA A 53 -0.24 -17.99 -0.48
C ALA A 53 -0.96 -18.00 0.88
N LEU A 54 -0.21 -17.73 1.93
CA LEU A 54 -0.76 -17.68 3.28
C LEU A 54 -1.81 -16.59 3.41
N VAL A 55 -1.51 -15.40 2.90
CA VAL A 55 -2.42 -14.26 2.97
C VAL A 55 -3.71 -14.55 2.20
N CYS A 56 -3.58 -15.13 1.00
CA CYS A 56 -4.72 -15.48 0.17
C CYS A 56 -5.71 -16.39 0.90
N ILE A 57 -5.19 -17.39 1.59
CA ILE A 57 -6.03 -18.32 2.34
C ILE A 57 -6.65 -17.64 3.56
N LEU A 58 -5.83 -16.97 4.36
CA LEU A 58 -6.31 -16.29 5.55
C LEU A 58 -7.37 -15.25 5.22
N TRP A 59 -7.25 -14.63 4.05
CA TRP A 59 -8.16 -13.57 3.64
C TRP A 59 -9.57 -14.10 3.41
N VAL A 60 -9.69 -15.22 2.72
CA VAL A 60 -11.00 -15.79 2.42
C VAL A 60 -11.58 -16.54 3.63
N VAL A 61 -10.70 -17.06 4.49
CA VAL A 61 -11.15 -17.79 5.67
C VAL A 61 -11.82 -16.85 6.67
N TYR A 62 -11.15 -15.75 7.03
CA TYR A 62 -11.72 -14.81 7.99
C TYR A 62 -11.31 -13.36 7.72
N GLY A 63 -10.28 -13.18 6.91
CA GLY A 63 -9.73 -11.85 6.64
C GLY A 63 -10.71 -10.85 6.07
N TYR A 64 -11.44 -11.27 5.03
CA TYR A 64 -12.40 -10.38 4.38
C TYR A 64 -13.56 -10.05 5.31
N SER A 65 -14.04 -11.06 6.04
CA SER A 65 -15.18 -10.89 6.93
C SER A 65 -14.89 -9.88 8.05
N LEU A 66 -13.69 -9.97 8.61
CA LEU A 66 -13.31 -9.10 9.72
C LEU A 66 -12.98 -7.69 9.24
N ALA A 67 -12.65 -7.57 7.97
CA ALA A 67 -12.24 -6.28 7.42
C ALA A 67 -13.42 -5.49 6.88
N PHE A 68 -14.34 -6.16 6.17
CA PHE A 68 -15.42 -5.47 5.50
C PHE A 68 -16.82 -5.87 6.00
N GLY A 69 -16.87 -6.75 6.98
CA GLY A 69 -18.13 -7.08 7.63
C GLY A 69 -18.51 -6.00 8.62
N GLU A 70 -19.66 -6.17 9.26
CA GLU A 70 -20.11 -5.23 10.28
C GLU A 70 -20.50 -5.95 11.58
N GLY A 71 -19.87 -5.56 12.68
CA GLY A 71 -18.82 -4.56 12.66
C GLY A 71 -18.91 -3.49 13.73
N ASN A 72 -17.75 -3.06 14.22
CA ASN A 72 -17.64 -1.85 15.04
C ASN A 72 -16.72 -0.86 14.34
N ASN A 73 -16.11 0.03 15.10
CA ASN A 73 -15.21 1.02 14.51
C ASN A 73 -13.85 0.45 14.12
N PHE A 74 -13.55 -0.75 14.59
CA PHE A 74 -12.23 -1.33 14.38
C PHE A 74 -12.26 -2.69 13.69
N PHE A 75 -13.23 -3.52 14.05
CA PHE A 75 -13.33 -4.85 13.47
C PHE A 75 -14.72 -5.11 12.89
N GLY A 76 -14.78 -5.98 11.88
CA GLY A 76 -16.04 -6.40 11.30
C GLY A 76 -16.66 -7.54 12.10
N ASN A 77 -17.10 -8.58 11.40
CA ASN A 77 -17.66 -9.76 12.07
C ASN A 77 -17.12 -11.06 11.47
N ILE A 78 -17.77 -12.16 11.82
CA ILE A 78 -17.35 -13.47 11.35
C ILE A 78 -18.49 -14.23 10.67
N ASN A 79 -19.37 -13.49 10.01
CA ASN A 79 -20.50 -14.09 9.32
C ASN A 79 -20.18 -14.38 7.85
N TRP A 80 -19.01 -13.95 7.41
CA TRP A 80 -18.56 -14.21 6.05
C TRP A 80 -17.31 -15.10 6.05
N LEU A 81 -17.23 -16.01 7.00
CA LEU A 81 -16.14 -16.98 7.05
C LEU A 81 -16.23 -17.93 5.86
N MET A 82 -15.14 -18.07 5.13
CA MET A 82 -15.11 -18.83 3.87
C MET A 82 -16.17 -18.32 2.91
N LEU A 83 -16.44 -17.01 3.00
CA LEU A 83 -17.41 -16.32 2.16
C LEU A 83 -18.81 -16.92 2.28
N LYS A 84 -19.11 -17.48 3.45
CA LYS A 84 -20.44 -18.00 3.73
C LYS A 84 -21.44 -16.85 3.82
N ASN A 85 -22.69 -17.14 3.48
CA ASN A 85 -23.78 -16.17 3.46
C ASN A 85 -23.61 -15.10 2.38
N ILE A 86 -22.59 -15.28 1.54
CA ILE A 86 -22.39 -14.42 0.38
C ILE A 86 -22.88 -15.13 -0.87
N GLU A 87 -24.05 -14.72 -1.36
CA GLU A 87 -24.59 -15.27 -2.60
C GLU A 87 -23.63 -15.00 -3.76
N LEU A 88 -23.59 -15.90 -4.72
CA LEU A 88 -22.70 -15.76 -5.87
C LEU A 88 -23.06 -14.50 -6.67
N THR A 89 -24.33 -14.14 -6.65
CA THR A 89 -24.81 -12.98 -7.40
C THR A 89 -24.92 -11.73 -6.51
N ALA A 90 -24.36 -11.78 -5.32
CA ALA A 90 -24.39 -10.64 -4.40
C ALA A 90 -23.58 -9.48 -4.97
N VAL A 91 -24.10 -8.27 -4.81
CA VAL A 91 -23.47 -7.09 -5.39
C VAL A 91 -22.90 -6.16 -4.33
N MET A 92 -21.62 -5.84 -4.46
CA MET A 92 -20.98 -4.84 -3.60
C MET A 92 -20.61 -3.61 -4.43
N GLY A 93 -21.38 -2.54 -4.26
CA GLY A 93 -21.21 -1.35 -5.08
C GLY A 93 -21.89 -1.53 -6.42
N SER A 94 -21.08 -1.69 -7.47
CA SER A 94 -21.62 -1.97 -8.80
C SER A 94 -21.01 -3.23 -9.39
N ILE A 95 -20.35 -4.03 -8.54
CA ILE A 95 -19.75 -5.28 -8.96
C ILE A 95 -20.19 -6.43 -8.07
N TYR A 96 -19.98 -7.66 -8.53
CA TYR A 96 -20.25 -8.83 -7.70
C TYR A 96 -19.29 -8.85 -6.51
N GLN A 97 -19.82 -9.17 -5.34
CA GLN A 97 -19.05 -9.09 -4.10
C GLN A 97 -17.82 -9.99 -4.13
N TYR A 98 -17.90 -11.09 -4.88
CA TYR A 98 -16.78 -12.01 -5.03
C TYR A 98 -15.57 -11.30 -5.65
N ILE A 99 -15.83 -10.41 -6.60
CA ILE A 99 -14.77 -9.61 -7.20
C ILE A 99 -14.19 -8.65 -6.17
N HIS A 100 -15.06 -8.07 -5.35
CA HIS A 100 -14.64 -7.18 -4.27
C HIS A 100 -13.74 -7.92 -3.27
N VAL A 101 -14.06 -9.19 -3.02
CA VAL A 101 -13.25 -10.04 -2.15
C VAL A 101 -11.84 -10.19 -2.69
N ALA A 102 -11.73 -10.59 -3.95
CA ALA A 102 -10.44 -10.83 -4.60
C ALA A 102 -9.61 -9.55 -4.71
N PHE A 103 -10.27 -8.45 -5.04
CA PHE A 103 -9.57 -7.17 -5.22
C PHE A 103 -8.93 -6.70 -3.92
N GLN A 104 -9.72 -6.68 -2.84
CA GLN A 104 -9.20 -6.26 -1.54
C GLN A 104 -8.20 -7.27 -0.99
N GLY A 105 -8.33 -8.52 -1.43
CA GLY A 105 -7.39 -9.56 -1.03
C GLY A 105 -6.01 -9.33 -1.62
N SER A 106 -5.98 -8.84 -2.85
CA SER A 106 -4.72 -8.54 -3.52
C SER A 106 -4.01 -7.35 -2.86
N PHE A 107 -4.79 -6.45 -2.27
CA PHE A 107 -4.24 -5.34 -1.52
C PHE A 107 -3.52 -5.84 -0.27
N ALA A 108 -4.13 -6.82 0.39
CA ALA A 108 -3.52 -7.42 1.57
C ALA A 108 -2.23 -8.16 1.22
N CYS A 109 -2.21 -8.79 0.05
CA CYS A 109 -1.06 -9.55 -0.40
C CYS A 109 0.15 -8.65 -0.68
N ILE A 110 -0.06 -7.56 -1.40
CA ILE A 110 1.05 -6.67 -1.75
C ILE A 110 1.58 -5.95 -0.51
N THR A 111 0.70 -5.64 0.42
CA THR A 111 1.11 -5.00 1.68
C THR A 111 2.07 -5.91 2.45
N VAL A 112 1.72 -7.20 2.54
CA VAL A 112 2.57 -8.18 3.21
C VAL A 112 3.85 -8.40 2.41
N GLY A 113 3.71 -8.42 1.09
CA GLY A 113 4.86 -8.56 0.20
C GLY A 113 5.91 -7.48 0.41
N LEU A 114 5.46 -6.26 0.66
CA LEU A 114 6.35 -5.13 0.93
C LEU A 114 7.23 -5.41 2.16
N ILE A 115 6.63 -6.04 3.17
CA ILE A 115 7.34 -6.32 4.42
C ILE A 115 8.26 -7.53 4.29
N VAL A 116 7.69 -8.66 3.85
CA VAL A 116 8.42 -9.92 3.79
C VAL A 116 9.64 -9.83 2.87
N GLY A 117 9.45 -9.24 1.69
CA GLY A 117 10.52 -9.15 0.71
C GLY A 117 11.72 -8.32 1.17
N ALA A 118 11.48 -7.42 2.12
CA ALA A 118 12.52 -6.50 2.56
C ALA A 118 13.33 -7.03 3.74
N LEU A 119 12.80 -8.01 4.45
CA LEU A 119 13.51 -8.56 5.61
C LEU A 119 13.53 -10.09 5.63
N ALA A 120 13.27 -10.71 4.48
CA ALA A 120 13.37 -12.16 4.36
C ALA A 120 14.83 -12.58 4.50
N GLU A 121 15.72 -11.68 4.13
CA GLU A 121 17.16 -11.90 4.18
C GLU A 121 17.66 -12.10 5.61
N ARG A 122 16.93 -11.55 6.58
CA ARG A 122 17.40 -11.50 7.96
C ARG A 122 16.51 -12.24 8.95
N ILE A 123 15.32 -12.63 8.51
CA ILE A 123 14.34 -13.26 9.39
C ILE A 123 14.16 -14.75 9.08
N ARG A 124 14.11 -15.56 10.14
CA ARG A 124 13.83 -16.99 10.02
C ARG A 124 12.50 -17.24 9.32
N PHE A 125 12.47 -18.26 8.47
CA PHE A 125 11.27 -18.63 7.71
C PHE A 125 10.08 -18.87 8.64
N SER A 126 10.33 -19.57 9.75
CA SER A 126 9.27 -19.86 10.72
C SER A 126 8.80 -18.59 11.40
N ALA A 127 9.71 -17.65 11.59
CA ALA A 127 9.40 -16.40 12.29
C ALA A 127 8.50 -15.48 11.47
N VAL A 128 8.83 -15.32 10.19
CA VAL A 128 8.07 -14.41 9.34
C VAL A 128 6.65 -14.90 9.14
N LEU A 129 6.47 -16.23 9.10
CA LEU A 129 5.13 -16.82 8.98
C LEU A 129 4.28 -16.47 10.19
N ILE A 130 4.89 -16.53 11.38
CA ILE A 130 4.19 -16.18 12.61
C ILE A 130 3.84 -14.70 12.62
N PHE A 131 4.77 -13.86 12.19
CA PHE A 131 4.56 -12.42 12.15
C PHE A 131 3.42 -12.04 11.20
N VAL A 132 3.39 -12.67 10.03
CA VAL A 132 2.38 -12.37 9.03
C VAL A 132 0.98 -12.61 9.58
N VAL A 133 0.77 -13.78 10.19
CA VAL A 133 -0.54 -14.14 10.74
C VAL A 133 -1.00 -13.13 11.80
N VAL A 134 -0.08 -12.77 12.69
CA VAL A 134 -0.40 -11.80 13.74
C VAL A 134 -0.68 -10.42 13.18
N TRP A 135 0.25 -9.90 12.38
CA TRP A 135 0.15 -8.54 11.85
C TRP A 135 -1.01 -8.37 10.89
N LEU A 136 -1.26 -9.36 10.04
CA LEU A 136 -2.37 -9.29 9.10
C LEU A 136 -3.71 -9.22 9.84
N THR A 137 -3.83 -10.05 10.87
CA THR A 137 -5.09 -10.19 11.60
C THR A 137 -5.36 -9.01 12.54
N LEU A 138 -4.31 -8.48 13.16
CA LEU A 138 -4.49 -7.48 14.20
C LEU A 138 -4.04 -6.07 13.80
N SER A 139 -3.46 -5.93 12.61
CA SER A 139 -3.05 -4.61 12.14
C SER A 139 -3.69 -4.26 10.80
N TYR A 140 -3.45 -5.06 9.77
CA TYR A 140 -3.97 -4.76 8.45
C TYR A 140 -5.50 -4.78 8.42
N ILE A 141 -6.08 -5.85 8.95
CA ILE A 141 -7.53 -6.02 8.95
C ILE A 141 -8.28 -4.88 9.68
N PRO A 142 -7.87 -4.53 10.92
CA PRO A 142 -8.64 -3.46 11.56
C PRO A 142 -8.38 -2.08 10.96
N ILE A 143 -7.17 -1.83 10.46
CA ILE A 143 -6.86 -0.55 9.83
C ILE A 143 -7.63 -0.41 8.51
N ALA A 144 -7.73 -1.51 7.77
CA ALA A 144 -8.50 -1.52 6.53
C ALA A 144 -9.98 -1.31 6.84
N HIS A 145 -10.42 -1.84 7.98
CA HIS A 145 -11.79 -1.66 8.43
C HIS A 145 -12.06 -0.22 8.84
N MET A 146 -11.07 0.41 9.48
CA MET A 146 -11.18 1.79 9.93
C MET A 146 -11.30 2.76 8.76
N VAL A 147 -10.59 2.47 7.68
CA VAL A 147 -10.52 3.39 6.55
C VAL A 147 -11.51 3.02 5.43
N TRP A 148 -11.63 1.73 5.14
CA TRP A 148 -12.43 1.28 4.01
C TRP A 148 -13.64 0.45 4.41
N GLY A 149 -13.66 -0.04 5.64
CA GLY A 149 -14.74 -0.88 6.11
C GLY A 149 -15.79 -0.12 6.89
N GLY A 150 -15.73 1.21 6.82
CA GLY A 150 -16.70 2.06 7.51
C GLY A 150 -16.41 2.17 8.99
N GLY A 151 -15.13 2.04 9.35
CA GLY A 151 -14.71 2.10 10.74
C GLY A 151 -14.52 3.51 11.25
N LEU A 152 -13.59 3.67 12.18
CA LEU A 152 -13.37 4.94 12.87
C LEU A 152 -12.96 6.07 11.94
N LEU A 153 -11.87 5.86 11.20
CA LEU A 153 -11.32 6.90 10.35
C LEU A 153 -12.25 7.29 9.22
N ALA A 154 -12.97 6.31 8.69
CA ALA A 154 -13.92 6.55 7.60
C ALA A 154 -15.07 7.45 8.06
N SER A 155 -15.47 7.29 9.33
CA SER A 155 -16.57 8.07 9.88
C SER A 155 -16.13 9.51 10.19
N HIS A 156 -14.82 9.74 10.24
CA HIS A 156 -14.30 11.08 10.46
C HIS A 156 -14.06 11.79 9.12
N GLY A 157 -14.28 11.07 8.03
CA GLY A 157 -14.12 11.64 6.70
C GLY A 157 -12.69 11.65 6.22
N ALA A 158 -11.93 10.65 6.62
CA ALA A 158 -10.53 10.53 6.19
C ALA A 158 -10.44 10.28 4.69
N LEU A 159 -9.48 10.95 4.05
CA LEU A 159 -9.29 10.81 2.61
C LEU A 159 -8.08 9.93 2.30
N ASP A 160 -8.36 8.67 1.97
CA ASP A 160 -7.32 7.73 1.58
C ASP A 160 -7.84 6.86 0.45
N PHE A 161 -7.51 7.22 -0.77
CA PHE A 161 -8.13 6.59 -1.94
C PHE A 161 -7.69 5.15 -2.15
N ALA A 162 -6.38 4.90 -2.16
CA ALA A 162 -5.88 3.57 -2.48
C ALA A 162 -4.97 2.99 -1.40
N GLY A 163 -4.83 3.68 -0.28
CA GLY A 163 -4.15 3.11 0.87
C GLY A 163 -2.83 3.73 1.29
N GLY A 164 -2.80 5.06 1.42
CA GLY A 164 -1.65 5.73 1.97
C GLY A 164 -1.38 5.26 3.39
N THR A 165 -2.45 5.04 4.15
CA THR A 165 -2.33 4.53 5.51
C THR A 165 -2.40 3.01 5.56
N VAL A 166 -3.47 2.47 4.98
CA VAL A 166 -3.76 1.04 5.03
C VAL A 166 -2.61 0.17 4.52
N VAL A 167 -1.94 0.63 3.46
CA VAL A 167 -0.89 -0.18 2.84
C VAL A 167 0.51 0.33 3.17
N HIS A 168 0.79 1.57 2.78
CA HIS A 168 2.16 2.08 2.78
C HIS A 168 2.70 2.44 4.16
N ILE A 169 1.99 3.30 4.87
CA ILE A 169 2.41 3.68 6.22
C ILE A 169 2.35 2.45 7.15
N ASN A 170 1.28 1.68 7.00
CA ASN A 170 1.07 0.47 7.80
C ASN A 170 2.23 -0.51 7.67
N ALA A 171 2.67 -0.76 6.43
CA ALA A 171 3.74 -1.72 6.19
C ALA A 171 5.12 -1.15 6.51
N ALA A 172 5.28 0.16 6.28
CA ALA A 172 6.57 0.81 6.52
C ALA A 172 6.96 0.74 7.99
N ILE A 173 5.98 1.03 8.86
CA ILE A 173 6.21 0.97 10.29
C ILE A 173 6.52 -0.46 10.73
N ALA A 174 5.75 -1.42 10.22
CA ALA A 174 5.95 -2.82 10.53
C ALA A 174 7.35 -3.29 10.11
N GLY A 175 7.81 -2.78 8.98
CA GLY A 175 9.13 -3.13 8.48
C GLY A 175 10.24 -2.43 9.25
N LEU A 176 9.97 -1.19 9.64
CA LEU A 176 10.94 -0.40 10.39
C LEU A 176 11.21 -1.00 11.76
N VAL A 177 10.15 -1.49 12.41
CA VAL A 177 10.28 -2.15 13.71
C VAL A 177 11.11 -3.42 13.58
N GLY A 178 10.81 -4.22 12.56
CA GLY A 178 11.52 -5.46 12.31
C GLY A 178 12.99 -5.24 12.04
N ALA A 179 13.30 -4.24 11.22
CA ALA A 179 14.68 -3.92 10.90
C ALA A 179 15.44 -3.46 12.14
N TYR A 180 14.71 -2.91 13.10
CA TYR A 180 15.34 -2.43 14.33
C TYR A 180 15.60 -3.58 15.30
N LEU A 181 14.66 -4.51 15.39
CA LEU A 181 14.76 -5.62 16.34
C LEU A 181 15.81 -6.66 15.92
N ILE A 182 16.33 -6.53 14.71
CA ILE A 182 17.35 -7.44 14.21
C ILE A 182 18.63 -6.70 13.82
N GLY A 183 18.62 -5.39 14.02
CA GLY A 183 19.77 -4.57 13.70
C GLY A 183 20.35 -3.86 14.91
N LYS A 194 25.37 -4.19 -1.38
CA LYS A 194 25.41 -3.73 -2.76
C LYS A 194 24.35 -4.42 -3.60
N PRO A 195 23.66 -3.67 -4.46
CA PRO A 195 22.61 -4.20 -5.35
C PRO A 195 23.13 -5.29 -6.27
N HIS A 196 22.52 -6.47 -6.19
CA HIS A 196 22.93 -7.60 -6.99
C HIS A 196 22.66 -7.39 -8.47
N ASN A 197 21.44 -6.98 -8.80
CA ASN A 197 21.01 -6.89 -10.19
C ASN A 197 20.08 -5.69 -10.41
N LEU A 198 20.66 -4.55 -10.80
CA LEU A 198 19.87 -3.34 -11.05
C LEU A 198 18.86 -3.49 -12.19
N PRO A 199 19.21 -4.20 -13.29
CA PRO A 199 18.16 -4.47 -14.27
C PRO A 199 16.96 -5.23 -13.69
N MET A 200 17.22 -6.10 -12.72
CA MET A 200 16.16 -6.83 -12.05
C MET A 200 15.32 -5.87 -11.20
N VAL A 201 16.00 -4.90 -10.57
CA VAL A 201 15.33 -3.85 -9.82
C VAL A 201 14.44 -3.01 -10.73
N PHE A 202 14.96 -2.69 -11.91
CA PHE A 202 14.22 -1.91 -12.89
C PHE A 202 12.97 -2.66 -13.37
N THR A 203 13.12 -3.96 -13.63
CA THR A 203 12.00 -4.77 -14.09
C THR A 203 10.93 -4.88 -13.00
N GLY A 204 11.37 -5.06 -11.76
CA GLY A 204 10.46 -5.10 -10.63
C GLY A 204 9.73 -3.78 -10.47
N THR A 205 10.46 -2.68 -10.60
CA THR A 205 9.88 -1.34 -10.55
C THR A 205 8.86 -1.16 -11.66
N ALA A 206 9.21 -1.66 -12.84
CA ALA A 206 8.35 -1.58 -14.01
C ALA A 206 7.03 -2.30 -13.79
N ILE A 207 7.11 -3.54 -13.32
CA ILE A 207 5.93 -4.35 -13.04
C ILE A 207 5.06 -3.70 -11.96
N LEU A 208 5.71 -3.19 -10.91
CA LEU A 208 5.01 -2.48 -9.85
C LEU A 208 4.24 -1.28 -10.41
N TYR A 209 4.88 -0.54 -11.31
CA TYR A 209 4.28 0.63 -11.92
C TYR A 209 3.04 0.30 -12.75
N ILE A 210 3.16 -0.70 -13.61
CA ILE A 210 2.06 -1.12 -14.46
C ILE A 210 0.88 -1.65 -13.64
N GLY A 211 1.19 -2.51 -12.68
CA GLY A 211 0.16 -3.05 -11.80
C GLY A 211 -0.47 -1.99 -10.92
N TRP A 212 0.27 -0.92 -10.65
CA TRP A 212 -0.21 0.14 -9.77
C TRP A 212 -1.44 0.86 -10.34
N PHE A 213 -1.64 0.73 -11.65
CA PHE A 213 -2.81 1.32 -12.28
C PHE A 213 -4.08 0.57 -11.90
N GLY A 214 -3.97 -0.75 -11.75
CA GLY A 214 -5.07 -1.52 -11.22
C GLY A 214 -5.26 -1.17 -9.76
N PHE A 215 -4.14 -0.93 -9.09
CA PHE A 215 -4.11 -0.55 -7.69
C PHE A 215 -4.85 0.77 -7.45
N ASN A 216 -4.42 1.82 -8.14
CA ASN A 216 -4.99 3.16 -7.94
C ASN A 216 -6.34 3.37 -8.60
N ALA A 217 -6.44 3.09 -9.90
CA ALA A 217 -7.67 3.32 -10.64
C ALA A 217 -8.76 2.32 -10.24
N GLY A 218 -8.35 1.12 -9.87
CA GLY A 218 -9.27 0.11 -9.42
C GLY A 218 -9.95 0.46 -8.11
N SER A 219 -9.30 1.31 -7.31
CA SER A 219 -9.85 1.70 -6.02
C SER A 219 -11.11 2.56 -6.17
N ALA A 220 -11.42 2.94 -7.40
CA ALA A 220 -12.66 3.64 -7.69
C ALA A 220 -13.84 2.67 -7.71
N GLY A 221 -13.55 1.39 -7.92
CA GLY A 221 -14.57 0.35 -7.89
C GLY A 221 -15.45 0.33 -9.12
N THR A 222 -15.09 1.14 -10.11
CA THR A 222 -15.88 1.28 -11.33
C THR A 222 -15.08 2.02 -12.39
N ALA A 223 -15.32 1.68 -13.66
CA ALA A 223 -14.62 2.35 -14.77
C ALA A 223 -15.30 3.68 -15.11
N ASN A 224 -15.18 4.65 -14.22
CA ASN A 224 -15.81 5.95 -14.39
C ASN A 224 -14.78 7.08 -14.48
N GLU A 225 -15.25 8.32 -14.32
CA GLU A 225 -14.37 9.48 -14.46
C GLU A 225 -13.37 9.56 -13.30
N ILE A 226 -13.73 8.99 -12.16
CA ILE A 226 -12.83 8.97 -11.01
C ILE A 226 -11.67 8.01 -11.24
N ALA A 227 -11.98 6.85 -11.82
CA ALA A 227 -10.96 5.91 -12.23
C ALA A 227 -10.05 6.54 -13.29
N ALA A 228 -10.64 7.29 -14.20
CA ALA A 228 -9.88 8.01 -15.22
C ALA A 228 -8.96 9.04 -14.58
N LEU A 229 -9.48 9.77 -13.61
CA LEU A 229 -8.70 10.78 -12.88
C LEU A 229 -7.53 10.15 -12.13
N ALA A 230 -7.78 9.02 -11.49
CA ALA A 230 -6.75 8.31 -10.73
C ALA A 230 -5.67 7.78 -11.66
N PHE A 231 -6.08 7.36 -12.86
CA PHE A 231 -5.17 6.83 -13.85
C PHE A 231 -4.18 7.90 -14.32
N VAL A 232 -4.71 9.03 -14.78
CA VAL A 232 -3.89 10.14 -15.23
C VAL A 232 -2.99 10.68 -14.12
N ASN A 233 -3.56 10.79 -12.91
CA ASN A 233 -2.79 11.29 -11.77
C ASN A 233 -1.65 10.35 -11.39
N THR A 234 -1.84 9.06 -11.67
CA THR A 234 -0.80 8.08 -11.40
C THR A 234 0.35 8.25 -12.40
N VAL A 235 0.00 8.50 -13.66
CA VAL A 235 1.01 8.76 -14.68
C VAL A 235 1.80 10.03 -14.38
N VAL A 236 1.08 11.11 -14.06
CA VAL A 236 1.69 12.42 -13.84
C VAL A 236 2.58 12.46 -12.59
N ALA A 237 2.06 11.94 -11.48
CA ALA A 237 2.79 11.99 -10.22
C ALA A 237 4.05 11.14 -10.25
N THR A 238 3.98 9.99 -10.92
CA THR A 238 5.12 9.10 -11.06
C THR A 238 6.22 9.76 -11.87
N ALA A 239 5.82 10.36 -12.99
CA ALA A 239 6.76 11.04 -13.88
C ALA A 239 7.40 12.24 -13.19
N ALA A 240 6.61 13.02 -12.48
CA ALA A 240 7.09 14.20 -11.78
C ALA A 240 8.04 13.81 -10.63
N ALA A 241 7.83 12.64 -10.05
CA ALA A 241 8.67 12.17 -8.95
C ALA A 241 9.98 11.61 -9.45
N ILE A 242 9.96 10.98 -10.63
CA ILE A 242 11.18 10.51 -11.27
C ILE A 242 12.09 11.69 -11.58
N LEU A 243 11.52 12.72 -12.19
CA LEU A 243 12.28 13.92 -12.53
C LEU A 243 12.73 14.65 -11.29
N GLY A 244 11.85 14.71 -10.29
CA GLY A 244 12.16 15.37 -9.03
C GLY A 244 13.33 14.72 -8.30
N TRP A 245 13.34 13.38 -8.28
CA TRP A 245 14.40 12.64 -7.61
C TRP A 245 15.74 12.80 -8.33
N ILE A 246 15.77 12.47 -9.62
CA ILE A 246 17.03 12.44 -10.36
C ILE A 246 17.67 13.82 -10.48
N PHE A 247 16.85 14.86 -10.55
CA PHE A 247 17.38 16.23 -10.64
C PHE A 247 17.91 16.68 -9.28
N GLY A 248 17.28 16.19 -8.22
CA GLY A 248 17.78 16.42 -6.88
C GLY A 248 19.06 15.63 -6.68
N GLU A 249 19.09 14.43 -7.26
CA GLU A 249 20.26 13.57 -7.20
C GLU A 249 21.38 14.10 -8.07
N TRP A 250 21.02 14.67 -9.22
CA TRP A 250 21.98 15.22 -10.16
C TRP A 250 22.64 16.47 -9.60
N ALA A 251 21.93 17.16 -8.71
CA ALA A 251 22.47 18.36 -8.07
C ALA A 251 23.30 17.98 -6.85
N LEU A 252 22.87 16.94 -6.15
CA LEU A 252 23.53 16.52 -4.91
C LEU A 252 24.85 15.80 -5.17
N ARG A 253 24.77 14.67 -5.88
CA ARG A 253 25.95 13.83 -6.12
C ARG A 253 26.52 14.01 -7.52
N GLY A 254 25.95 14.95 -8.27
CA GLY A 254 26.49 15.33 -9.55
C GLY A 254 26.24 14.37 -10.71
N LYS A 255 25.41 13.36 -10.48
CA LYS A 255 25.15 12.34 -11.49
C LYS A 255 23.90 11.53 -11.18
N PRO A 256 23.01 11.38 -12.17
CA PRO A 256 21.80 10.56 -12.04
C PRO A 256 22.12 9.07 -12.03
N SER A 257 21.27 8.26 -11.41
CA SER A 257 21.47 6.83 -11.34
C SER A 257 20.20 6.07 -11.68
N LEU A 258 20.34 4.81 -12.07
CA LEU A 258 19.20 3.97 -12.37
C LEU A 258 18.37 3.70 -11.12
N LEU A 259 19.06 3.43 -10.01
CA LEU A 259 18.40 3.18 -8.74
C LEU A 259 17.63 4.41 -8.27
N GLY A 260 18.19 5.59 -8.51
CA GLY A 260 17.54 6.84 -8.17
C GLY A 260 16.27 7.05 -8.98
N ALA A 261 16.34 6.74 -10.27
CA ALA A 261 15.19 6.86 -11.15
C ALA A 261 14.06 5.93 -10.71
N CYS A 262 14.42 4.69 -10.37
CA CYS A 262 13.44 3.71 -9.91
C CYS A 262 12.86 4.10 -8.56
N SER A 263 13.72 4.57 -7.65
CA SER A 263 13.29 5.02 -6.34
C SER A 263 12.32 6.19 -6.45
N GLY A 264 12.59 7.08 -7.40
CA GLY A 264 11.72 8.22 -7.65
C GLY A 264 10.34 7.80 -8.11
N ALA A 265 10.30 6.81 -8.99
CA ALA A 265 9.03 6.28 -9.49
C ALA A 265 8.18 5.72 -8.35
N ILE A 266 8.81 4.95 -7.47
CA ILE A 266 8.12 4.39 -6.32
C ILE A 266 7.62 5.48 -5.38
N ALA A 267 8.44 6.52 -5.20
CA ALA A 267 8.09 7.63 -4.32
C ALA A 267 6.81 8.32 -4.78
N GLY A 268 6.67 8.49 -6.10
CA GLY A 268 5.50 9.14 -6.66
C GLY A 268 4.27 8.25 -6.60
N LEU A 269 4.47 6.96 -6.86
CA LEU A 269 3.39 5.99 -6.78
C LEU A 269 2.84 5.91 -5.37
N VAL A 270 3.74 5.88 -4.39
CA VAL A 270 3.34 5.87 -2.98
C VAL A 270 2.64 7.16 -2.60
N GLY A 271 3.23 8.29 -3.00
CA GLY A 271 2.70 9.59 -2.65
C GLY A 271 1.31 9.87 -3.20
N VAL A 272 1.06 9.46 -4.45
CA VAL A 272 -0.21 9.74 -5.09
C VAL A 272 -1.27 8.69 -4.72
N THR A 273 -0.84 7.61 -4.09
CA THR A 273 -1.75 6.53 -3.71
C THR A 273 -2.97 7.00 -2.90
N PRO A 274 -2.77 7.82 -1.85
CA PRO A 274 -3.99 8.26 -1.16
C PRO A 274 -4.72 9.41 -1.85
N ALA A 275 -4.08 10.03 -2.84
CA ALA A 275 -4.60 11.27 -3.41
C ALA A 275 -5.16 11.15 -4.82
N CYS A 276 -4.82 10.07 -5.51
CA CYS A 276 -5.06 9.96 -6.96
C CYS A 276 -6.51 10.21 -7.39
N GLY A 277 -7.46 9.76 -6.59
CA GLY A 277 -8.86 9.94 -6.94
C GLY A 277 -9.53 11.16 -6.31
N TYR A 278 -8.73 12.03 -5.72
CA TYR A 278 -9.28 13.18 -5.00
C TYR A 278 -8.77 14.52 -5.54
N ILE A 279 -7.58 14.52 -6.12
CA ILE A 279 -6.93 15.76 -6.53
C ILE A 279 -6.93 15.97 -8.03
N GLY A 280 -6.47 17.15 -8.46
CA GLY A 280 -6.36 17.46 -9.88
C GLY A 280 -5.01 17.10 -10.44
N VAL A 281 -4.86 17.22 -11.75
CA VAL A 281 -3.60 16.86 -12.40
C VAL A 281 -2.47 17.80 -11.99
N GLY A 282 -2.79 19.07 -11.78
CA GLY A 282 -1.83 20.03 -11.28
C GLY A 282 -1.35 19.66 -9.89
N GLY A 283 -2.28 19.25 -9.04
CA GLY A 283 -1.94 18.79 -7.70
C GLY A 283 -1.11 17.52 -7.74
N ALA A 284 -1.36 16.67 -8.73
CA ALA A 284 -0.62 15.41 -8.88
C ALA A 284 0.84 15.66 -9.22
N LEU A 285 1.08 16.66 -10.06
CA LEU A 285 2.43 17.03 -10.44
C LEU A 285 3.19 17.56 -9.22
N ILE A 286 2.51 18.38 -8.43
CA ILE A 286 3.10 18.92 -7.21
C ILE A 286 3.37 17.80 -6.20
N ILE A 287 2.39 16.92 -6.01
CA ILE A 287 2.55 15.79 -5.11
C ILE A 287 3.70 14.89 -5.57
N GLY A 288 3.82 14.71 -6.88
CA GLY A 288 4.89 13.92 -7.45
C GLY A 288 6.27 14.49 -7.12
N VAL A 289 6.48 15.75 -7.47
CA VAL A 289 7.76 16.42 -7.24
C VAL A 289 8.14 16.41 -5.76
N VAL A 290 7.18 16.76 -4.91
CA VAL A 290 7.42 16.80 -3.47
C VAL A 290 7.77 15.41 -2.92
N ALA A 291 7.01 14.40 -3.33
CA ALA A 291 7.25 13.04 -2.88
C ALA A 291 8.61 12.53 -3.35
N GLY A 292 8.98 12.91 -4.57
CA GLY A 292 10.27 12.54 -5.13
C GLY A 292 11.41 13.13 -4.33
N LEU A 293 11.27 14.40 -3.93
CA LEU A 293 12.29 15.07 -3.14
C LEU A 293 12.30 14.58 -1.70
N ALA A 294 11.10 14.38 -1.13
CA ALA A 294 10.97 13.90 0.23
C ALA A 294 11.54 12.48 0.36
N GLY A 295 11.39 11.69 -0.68
CA GLY A 295 11.93 10.35 -0.71
C GLY A 295 13.45 10.35 -0.76
N LEU A 296 13.99 11.19 -1.64
CA LEU A 296 15.44 11.34 -1.77
C LEU A 296 16.04 11.86 -0.47
N TRP A 297 15.36 12.80 0.16
CA TRP A 297 15.78 13.33 1.45
C TRP A 297 15.72 12.25 2.51
N GLY A 298 14.70 11.39 2.41
CA GLY A 298 14.48 10.34 3.39
C GLY A 298 15.60 9.31 3.43
N VAL A 299 15.98 8.79 2.27
CA VAL A 299 16.98 7.73 2.20
C VAL A 299 18.39 8.23 2.55
N THR A 300 18.63 9.51 2.31
CA THR A 300 19.93 10.09 2.63
C THR A 300 20.03 10.46 4.10
N MET A 301 18.94 10.98 4.66
CA MET A 301 18.88 11.33 6.08
C MET A 301 18.81 10.08 6.94
N LEU A 302 18.38 8.96 6.34
CA LEU A 302 18.33 7.68 7.03
C LEU A 302 19.74 7.08 7.10
N LYS A 303 20.64 7.62 6.29
CA LYS A 303 22.04 7.19 6.31
C LYS A 303 22.85 8.00 7.30
N ARG A 304 22.19 8.44 8.37
CA ARG A 304 22.84 9.22 9.42
C ARG A 304 22.07 9.12 10.73
N PRO A 311 17.46 -2.22 1.30
CA PRO A 311 16.01 -2.44 1.41
C PRO A 311 15.47 -2.29 2.83
N CYS A 312 16.31 -1.81 3.75
CA CYS A 312 15.80 -1.34 5.03
C CYS A 312 15.34 0.09 4.82
N ASP A 313 16.02 0.72 3.87
CA ASP A 313 15.84 2.13 3.56
C ASP A 313 14.58 2.42 2.79
N VAL A 314 14.06 1.45 2.04
CA VAL A 314 12.86 1.67 1.23
C VAL A 314 11.66 1.94 2.13
N PHE A 315 11.74 1.45 3.37
CA PHE A 315 10.73 1.75 4.38
C PHE A 315 10.79 3.21 4.80
N GLY A 316 11.84 3.90 4.38
CA GLY A 316 11.91 5.34 4.53
C GLY A 316 11.14 6.02 3.41
N VAL A 317 11.26 5.46 2.20
CA VAL A 317 10.49 5.95 1.06
C VAL A 317 9.01 5.73 1.25
N HIS A 318 8.63 4.52 1.62
CA HIS A 318 7.23 4.18 1.85
C HIS A 318 6.63 4.98 3.01
N GLY A 319 7.41 5.13 4.08
CA GLY A 319 6.95 5.88 5.24
C GLY A 319 6.76 7.35 4.94
N VAL A 320 7.84 8.01 4.55
CA VAL A 320 7.82 9.45 4.32
C VAL A 320 6.83 9.86 3.23
N CYS A 321 6.95 9.25 2.05
CA CYS A 321 6.10 9.61 0.93
C CYS A 321 4.64 9.25 1.19
N GLY A 322 4.42 8.22 2.01
CA GLY A 322 3.08 7.86 2.42
C GLY A 322 2.48 8.94 3.31
N ILE A 323 3.25 9.39 4.29
CA ILE A 323 2.83 10.47 5.18
C ILE A 323 2.62 11.76 4.41
N VAL A 324 3.58 12.10 3.55
CA VAL A 324 3.49 13.29 2.71
C VAL A 324 2.24 13.26 1.83
N GLY A 325 1.99 12.11 1.20
CA GLY A 325 0.84 11.94 0.34
C GLY A 325 -0.48 12.10 1.06
N CYS A 326 -0.58 11.52 2.26
CA CYS A 326 -1.79 11.64 3.06
C CYS A 326 -2.07 13.09 3.46
N ILE A 327 -1.00 13.82 3.80
CA ILE A 327 -1.13 15.22 4.18
C ILE A 327 -1.51 16.09 2.98
N MET A 328 -0.80 15.93 1.87
CA MET A 328 -1.05 16.73 0.68
C MET A 328 -2.40 16.39 0.05
N THR A 329 -2.94 15.23 0.41
CA THR A 329 -4.29 14.84 -0.02
C THR A 329 -5.31 15.77 0.63
N GLY A 330 -5.08 16.10 1.89
CA GLY A 330 -5.99 16.97 2.62
C GLY A 330 -5.91 18.42 2.14
N ILE A 331 -4.89 18.73 1.36
CA ILE A 331 -4.73 20.06 0.81
C ILE A 331 -5.31 20.17 -0.60
N PHE A 332 -4.83 19.30 -1.49
CA PHE A 332 -5.17 19.41 -2.91
C PHE A 332 -6.50 18.75 -3.27
N ALA A 333 -7.24 18.29 -2.27
CA ALA A 333 -8.59 17.80 -2.49
C ALA A 333 -9.54 18.97 -2.71
N ALA A 334 -9.13 20.15 -2.24
CA ALA A 334 -9.94 21.36 -2.35
C ALA A 334 -10.26 21.70 -3.80
N SER A 335 -11.50 22.13 -4.05
CA SER A 335 -11.92 22.50 -5.38
C SER A 335 -11.10 23.66 -5.94
N SER A 336 -10.64 24.53 -5.05
CA SER A 336 -9.85 25.70 -5.42
C SER A 336 -8.53 25.30 -6.06
N LEU A 337 -8.02 24.14 -5.68
CA LEU A 337 -6.74 23.66 -6.18
C LEU A 337 -6.92 22.61 -7.27
N GLY A 338 -8.16 22.46 -7.74
CA GLY A 338 -8.45 21.54 -8.83
C GLY A 338 -8.93 20.18 -8.38
N GLY A 339 -9.08 20.02 -7.06
CA GLY A 339 -9.53 18.76 -6.50
C GLY A 339 -11.02 18.53 -6.69
N VAL A 340 -11.50 17.38 -6.19
CA VAL A 340 -12.91 17.04 -6.32
C VAL A 340 -13.75 17.76 -5.26
N GLY A 341 -13.08 18.32 -4.26
CA GLY A 341 -13.76 19.06 -3.22
C GLY A 341 -13.96 18.29 -1.93
N PHE A 342 -13.84 18.99 -0.81
CA PHE A 342 -14.10 18.39 0.49
C PHE A 342 -15.58 18.08 0.65
N ALA A 343 -15.91 17.23 1.63
CA ALA A 343 -17.30 16.95 1.95
C ALA A 343 -18.00 18.22 2.42
N GLU A 344 -19.33 18.22 2.38
CA GLU A 344 -20.11 19.39 2.78
C GLU A 344 -19.84 19.79 4.22
N GLY A 345 -19.40 21.03 4.41
CA GLY A 345 -19.15 21.57 5.73
C GLY A 345 -17.74 21.31 6.24
N VAL A 346 -16.87 20.82 5.37
CA VAL A 346 -15.50 20.51 5.75
C VAL A 346 -14.51 21.51 5.15
N THR A 347 -13.72 22.13 6.02
CA THR A 347 -12.70 23.07 5.58
C THR A 347 -11.36 22.36 5.43
N MET A 348 -10.40 23.02 4.79
CA MET A 348 -9.08 22.45 4.59
C MET A 348 -8.39 22.19 5.93
N GLY A 349 -8.56 23.11 6.88
CA GLY A 349 -7.98 22.97 8.19
C GLY A 349 -8.50 21.74 8.93
N HIS A 350 -9.81 21.52 8.85
CA HIS A 350 -10.42 20.37 9.49
C HIS A 350 -9.98 19.06 8.84
N GLN A 351 -9.93 19.04 7.51
CA GLN A 351 -9.56 17.84 6.78
C GLN A 351 -8.12 17.42 7.10
N LEU A 352 -7.23 18.41 7.18
CA LEU A 352 -5.83 18.15 7.51
C LEU A 352 -5.67 17.51 8.89
N LEU A 353 -6.50 17.93 9.83
CA LEU A 353 -6.48 17.35 11.17
C LEU A 353 -6.90 15.89 11.13
N VAL A 354 -7.87 15.58 10.26
CA VAL A 354 -8.34 14.21 10.08
C VAL A 354 -7.26 13.36 9.42
N GLN A 355 -6.57 13.94 8.45
CA GLN A 355 -5.45 13.27 7.80
C GLN A 355 -4.36 12.95 8.82
N LEU A 356 -4.03 13.93 9.66
CA LEU A 356 -3.04 13.75 10.71
C LEU A 356 -3.46 12.68 11.71
N GLU A 357 -4.75 12.64 12.03
CA GLU A 357 -5.29 11.63 12.93
C GLU A 357 -5.12 10.23 12.35
N SER A 358 -5.45 10.10 11.06
CA SER A 358 -5.32 8.83 10.35
C SER A 358 -3.88 8.34 10.35
N ILE A 359 -2.95 9.25 10.08
CA ILE A 359 -1.53 8.92 10.08
C ILE A 359 -1.05 8.50 11.46
N ALA A 360 -1.44 9.26 12.48
CA ALA A 360 -1.02 9.00 13.85
C ALA A 360 -1.52 7.66 14.35
N ILE A 361 -2.81 7.40 14.16
CA ILE A 361 -3.43 6.15 14.60
C ILE A 361 -2.80 4.95 13.91
N THR A 362 -2.55 5.07 12.61
CA THR A 362 -1.98 3.99 11.83
C THR A 362 -0.56 3.65 12.30
N ILE A 363 0.25 4.67 12.54
CA ILE A 363 1.62 4.48 13.01
C ILE A 363 1.65 3.79 14.37
N VAL A 364 0.82 4.26 15.29
CA VAL A 364 0.76 3.67 16.63
C VAL A 364 0.24 2.24 16.58
N TRP A 365 -0.88 2.05 15.89
CA TRP A 365 -1.52 0.74 15.78
C TRP A 365 -0.57 -0.30 15.18
N SER A 366 0.07 0.06 14.07
CA SER A 366 0.95 -0.86 13.37
C SER A 366 2.20 -1.17 14.20
N GLY A 367 2.77 -0.14 14.81
CA GLY A 367 3.98 -0.29 15.61
C GLY A 367 3.81 -1.24 16.78
N VAL A 368 2.66 -1.14 17.45
CA VAL A 368 2.37 -2.00 18.59
C VAL A 368 2.15 -3.45 18.15
N VAL A 369 1.31 -3.63 17.15
CA VAL A 369 0.97 -4.97 16.66
C VAL A 369 2.19 -5.65 16.04
N ALA A 370 3.00 -4.89 15.31
CA ALA A 370 4.22 -5.41 14.72
C ALA A 370 5.16 -5.89 15.81
N PHE A 371 5.32 -5.07 16.84
CA PHE A 371 6.18 -5.41 17.97
C PHE A 371 5.74 -6.72 18.64
N ILE A 372 4.45 -6.85 18.85
CA ILE A 372 3.90 -8.06 19.47
C ILE A 372 4.15 -9.29 18.59
N GLY A 373 3.91 -9.15 17.29
CA GLY A 373 4.14 -10.23 16.34
C GLY A 373 5.59 -10.68 16.30
N TYR A 374 6.50 -9.72 16.24
CA TYR A 374 7.93 -10.02 16.23
C TYR A 374 8.37 -10.67 17.54
N LYS A 375 7.91 -10.11 18.65
CA LYS A 375 8.25 -10.64 19.97
C LYS A 375 7.74 -12.06 20.14
N LEU A 376 6.49 -12.29 19.73
CA LEU A 376 5.87 -13.61 19.80
C LEU A 376 6.65 -14.63 18.99
N ALA A 377 7.13 -14.22 17.82
CA ALA A 377 7.94 -15.08 16.97
C ALA A 377 9.31 -15.32 17.59
N ASP A 378 9.81 -14.32 18.32
CA ASP A 378 11.14 -14.39 18.92
C ASP A 378 11.17 -15.34 20.12
N LEU A 379 10.01 -15.50 20.77
CA LEU A 379 9.92 -16.33 21.97
C LEU A 379 9.55 -17.78 21.64
N THR A 380 9.05 -18.00 20.43
CA THR A 380 8.61 -19.34 20.03
C THR A 380 9.65 -20.04 19.16
N VAL A 381 10.15 -19.32 18.15
CA VAL A 381 11.11 -19.92 17.22
C VAL A 381 12.39 -19.09 17.09
N GLY A 382 12.33 -17.84 17.53
CA GLY A 382 13.46 -16.94 17.41
C GLY A 382 13.50 -16.24 16.06
N LEU A 383 13.93 -14.99 16.05
CA LEU A 383 13.94 -14.18 14.83
C LEU A 383 15.21 -14.40 14.00
N ARG A 384 16.35 -14.49 14.67
CA ARG A 384 17.63 -14.65 13.99
C ARG A 384 17.72 -15.97 13.25
N VAL A 385 18.35 -15.95 12.08
CA VAL A 385 18.50 -17.13 11.25
C VAL A 385 19.65 -18.01 11.74
CA2 C9V B . -12.60 10.03 23.40
OA5 C9V B . -13.40 -1.71 20.21
CA3 C9V B . -13.86 9.16 23.55
CA4 C9V B . -11.25 9.61 23.26
OA7 C9V B . -12.65 -3.89 19.90
C18 C9V B . -10.50 1.18 21.24
C19 C9V B . -11.58 0.61 22.17
C22 C9V B . -13.58 -0.71 22.38
C23 C9V B . -14.21 -1.68 21.39
C24 C9V B . -15.69 -1.22 20.95
CA6 C9V B . -12.37 -2.76 20.22
C31 C9V B . -15.08 4.34 20.42
C32 C9V B . -15.69 5.17 19.25
C38 C9V B . -17.64 8.15 18.46
C39 C9V B . -16.76 9.33 18.00
C40 C9V B . -15.72 9.70 19.08
C42 C9V B . -13.31 9.57 19.04
C44 C9V B . -12.17 9.06 18.13
C45 C9V B . -10.79 9.54 18.61
C46 C9V B . -9.67 8.56 18.21
C47 C9V B . -8.35 8.85 18.92
C51 C9V B . -4.36 10.67 18.28
C52 C9V B . -3.16 11.30 18.58
C53 C9V B . -1.88 10.45 18.73
C54 C9V B . -0.63 11.31 19.03
C55 C9V B . -0.74 12.79 18.54
C56 C9V B . 0.64 13.36 18.20
C57 C9V B . 0.67 14.89 18.07
C58 C9V B . 0.38 15.61 19.40
C59 C9V B . 1.28 16.86 19.61
C60 C9V B . 0.80 18.08 18.80
C62 C9V B . -16.82 8.47 15.69
C64 C9V B . -17.32 9.39 14.57
C65 C9V B . -18.31 10.49 15.02
C66 C9V B . -17.64 11.86 15.13
C67 C9V B . -17.95 12.75 13.93
C71 C9V B . -13.28 14.41 14.12
C72 C9V B . -12.08 14.13 14.74
C73 C9V B . -10.81 14.98 14.40
C74 C9V B . -9.68 14.61 15.38
C75 C9V B . -8.42 15.50 15.18
C76 C9V B . -7.20 15.04 16.00
C77 C9V B . -5.88 15.61 15.41
C78 C9V B . -4.63 14.77 15.79
C79 C9V B . -3.34 15.50 15.42
C80 C9V B . -2.11 14.56 15.43
C82 C9V B . -12.65 4.67 20.65
C84 C9V B . -12.50 6.21 20.40
C85 C9V B . -11.25 6.81 21.06
C86 C9V B . -11.44 7.01 22.63
C87 C9V B . -10.57 8.23 23.17
O20 C9V B . -11.33 0.41 23.34
O21 C9V B . -12.87 0.30 21.64
O25 C9V B . -15.58 -0.48 19.70
P26 C9V B . -16.56 0.84 19.47
O27 C9V B . -17.64 0.87 20.53
O28 C9V B . -17.20 0.77 18.11
O29 C9V B . -15.69 2.17 19.57
C30 C9V B . -15.87 3.05 20.71
O33 C9V B . -17.01 5.62 19.67
P34 C9V B . -17.12 6.86 20.69
O35 C9V B . -18.08 6.50 21.79
O36 C9V B . -15.75 7.18 21.29
O37 C9V B . -17.68 8.16 19.90
O41 C9V B . -14.51 10.17 18.45
O43 C9V B . -13.21 9.47 20.25
C48 C9V B . -7.88 10.32 18.81
C49 C9V B . -6.83 10.53 17.70
C50 C9V B . -5.66 11.49 18.12
O61 C9V B . -16.05 8.97 16.80
O63 C9V B . -17.07 7.27 15.61
C68 C9V B . -16.66 13.14 13.13
C69 C9V B . -15.79 14.21 13.88
C70 C9V B . -14.51 13.56 14.47
O81 C9V B . -13.72 3.93 20.02
O83 C9V B . -11.86 4.09 21.36
C88 C9V B . -9.02 8.16 23.01
C89 C9V B . -8.10 7.06 22.91
C90 C9V B . -8.39 5.54 22.93
C91 C9V B . -6.83 7.62 22.77
C92 C9V B . -6.97 9.01 22.79
C93 C9V B . -5.83 10.02 22.67
N94 C9V B . -8.30 9.30 22.94
B95 C9V B . -8.98 10.67 23.01
F96 C9V B . -8.30 11.48 24.30
F97 C9V B . -8.59 11.52 21.64
N98 C9V B . -10.50 10.74 23.18
C99 C9V B . -11.29 11.83 23.27
CA0 C9V B . -10.81 13.30 23.22
CA1 C9V B . -12.62 11.42 23.42
CA8 C9V B . -10.90 -2.40 20.64
CA9 C9V B . -9.85 -2.82 19.57
CAA C9V B . -9.27 -4.24 19.83
CAB C9V B . -7.81 -4.34 19.33
CAC C9V B . -7.26 -5.81 19.27
CAD C9V B . -5.70 -5.84 19.18
CAE C9V B . -5.14 -4.67 18.36
CAF C9V B . -4.43 -3.64 19.31
CAG C9V B . -3.77 -2.55 18.80
CAH C9V B . -3.08 -1.55 19.78
CAI C9V B . -3.41 -0.11 19.38
CAJ C9V B . -2.83 0.91 20.42
CAK C9V B . -3.75 2.17 20.61
CAL C9V B . -4.20 2.79 19.27
CAM C9V B . -4.63 4.30 19.44
CAN C9V B . -6.14 4.50 19.14
CAO C9V B . -6.65 5.84 19.71
#